data_5O23
#
_entry.id   5O23
#
_cell.length_a   124.020
_cell.length_b   124.020
_cell.length_c   107.370
_cell.angle_alpha   90.00
_cell.angle_beta   90.00
_cell.angle_gamma   120.00
#
_symmetry.space_group_name_H-M   'P 32 2 1'
#
loop_
_entity.id
_entity.type
_entity.pdbx_description
1 polymer 'Serine/threonine-protein kinase WNK3'
2 non-polymer 'SULFATE ION'
3 non-polymer 1,2-ETHANEDIOL
4 water water
#
_entity_poly.entity_id   1
_entity_poly.type   'polypeptide(L)'
_entity_poly.pdbx_seq_one_letter_code
;SMEAEMKAVATSPSGRFLKFDIELGRGAFKTVYKGLDTETWVEVAWCELQDRKLTKAEQQRFKEEAEMLKGLQHPNIVRF
YDSWESILKGKKCIVLVTELMTSGTLKTYLKRFKVMKPKVLRSWCRQILKGLQFLHTRTPPIIHRDLKCDNIFITGPTGS
VKIGDLGLATLMRT(SEP)FAKSVIGTPEFMAPEMYEEHYDESVDVYAFGMCMLEMATSEYPYSECQNAAQIYRKVTSGI
KPASFNKVTDPEVKEIIEGCIRQNKSERLSIRDLLNHAFFAEDTGLRVE
;
_entity_poly.pdbx_strand_id   A,B
#
loop_
_chem_comp.id
_chem_comp.type
_chem_comp.name
_chem_comp.formula
EDO non-polymer 1,2-ETHANEDIOL 'C2 H6 O2'
SO4 non-polymer 'SULFATE ION' 'O4 S -2'
#
# COMPACT_ATOMS: atom_id res chain seq x y z
N LYS A 7 31.18 -23.93 -8.73
CA LYS A 7 31.83 -22.66 -8.45
C LYS A 7 30.92 -21.49 -8.81
N ALA A 8 31.54 -20.32 -9.01
CA ALA A 8 30.78 -19.09 -9.23
C ALA A 8 30.04 -19.11 -10.56
N VAL A 9 28.87 -18.47 -10.57
CA VAL A 9 28.08 -18.33 -11.79
C VAL A 9 28.09 -16.90 -12.34
N ALA A 10 28.51 -15.91 -11.56
CA ALA A 10 28.55 -14.52 -12.00
C ALA A 10 29.64 -13.79 -11.24
N THR A 11 30.05 -12.65 -11.79
CA THR A 11 31.10 -11.84 -11.20
C THR A 11 30.69 -10.37 -11.30
N SER A 12 30.97 -9.62 -10.24
CA SER A 12 30.69 -8.18 -10.25
C SER A 12 31.56 -7.50 -11.30
N PRO A 13 31.11 -6.35 -11.83
CA PRO A 13 31.94 -5.63 -12.81
C PRO A 13 33.32 -5.28 -12.28
N SER A 14 33.42 -4.95 -10.99
CA SER A 14 34.72 -4.67 -10.39
C SER A 14 35.56 -5.93 -10.20
N GLY A 15 34.98 -7.11 -10.37
CA GLY A 15 35.71 -8.35 -10.20
C GLY A 15 35.98 -8.74 -8.77
N ARG A 16 35.41 -8.03 -7.80
CA ARG A 16 35.67 -8.31 -6.40
C ARG A 16 34.72 -9.36 -5.82
N PHE A 17 33.45 -9.31 -6.19
CA PHE A 17 32.43 -10.19 -5.64
C PHE A 17 32.03 -11.26 -6.65
N LEU A 18 31.86 -12.48 -6.15
CA LEU A 18 31.41 -13.61 -6.95
C LEU A 18 30.03 -14.04 -6.49
N LYS A 19 29.22 -14.50 -7.44
CA LYS A 19 27.87 -15.00 -7.17
C LYS A 19 27.87 -16.51 -7.28
N PHE A 20 27.27 -17.16 -6.28
CA PHE A 20 27.06 -18.60 -6.29
C PHE A 20 25.57 -18.89 -6.42
N ASP A 21 25.23 -19.95 -7.16
CA ASP A 21 23.84 -20.34 -7.36
C ASP A 21 23.29 -21.03 -6.10
N ILE A 22 23.29 -20.27 -5.02
CA ILE A 22 22.83 -20.74 -3.71
C ILE A 22 21.91 -19.66 -3.16
N GLU A 23 20.61 -19.94 -3.15
CA GLU A 23 19.62 -18.97 -2.66
C GLU A 23 19.60 -19.02 -1.14
N LEU A 24 19.85 -17.88 -0.51
CA LEU A 24 19.79 -17.77 0.94
C LEU A 24 18.46 -17.23 1.44
N GLY A 25 17.70 -16.55 0.59
CA GLY A 25 16.41 -16.01 0.99
C GLY A 25 15.68 -15.47 -0.22
N ARG A 26 14.38 -15.27 -0.04
CA ARG A 26 13.55 -14.75 -1.12
C ARG A 26 12.29 -14.14 -0.52
N GLY A 27 11.93 -12.95 -1.01
CA GLY A 27 10.71 -12.30 -0.61
C GLY A 27 9.91 -11.81 -1.79
N ALA A 28 8.94 -10.92 -1.55
CA ALA A 28 8.18 -10.36 -2.65
C ALA A 28 8.99 -9.33 -3.44
N PHE A 29 10.06 -8.80 -2.85
CA PHE A 29 10.83 -7.72 -3.44
C PHE A 29 12.16 -8.17 -4.02
N LYS A 30 12.96 -8.91 -3.25
CA LYS A 30 14.31 -9.30 -3.68
C LYS A 30 14.56 -10.76 -3.41
N THR A 31 15.61 -11.27 -4.05
CA THR A 31 16.13 -12.62 -3.80
C THR A 31 17.59 -12.51 -3.43
N VAL A 32 17.98 -13.12 -2.32
CA VAL A 32 19.33 -13.03 -1.78
C VAL A 32 20.09 -14.31 -2.12
N TYR A 33 21.25 -14.16 -2.73
CA TYR A 33 22.14 -15.27 -3.07
C TYR A 33 23.41 -15.19 -2.25
N LYS A 34 24.08 -16.34 -2.13
CA LYS A 34 25.35 -16.39 -1.44
C LYS A 34 26.45 -15.78 -2.31
N GLY A 35 27.09 -14.74 -1.78
CA GLY A 35 28.18 -14.10 -2.50
C GLY A 35 29.50 -14.26 -1.76
N LEU A 36 30.61 -14.00 -2.44
CA LEU A 36 31.93 -14.14 -1.85
C LEU A 36 32.75 -12.90 -2.18
N ASP A 37 33.37 -12.32 -1.14
CA ASP A 37 34.27 -11.19 -1.30
C ASP A 37 35.68 -11.74 -1.52
N THR A 38 36.21 -11.57 -2.73
CA THR A 38 37.51 -12.12 -3.08
C THR A 38 38.68 -11.34 -2.47
N GLU A 39 38.41 -10.23 -1.78
CA GLU A 39 39.47 -9.47 -1.13
C GLU A 39 39.61 -9.81 0.36
N THR A 40 38.49 -10.00 1.06
CA THR A 40 38.50 -10.35 2.46
C THR A 40 38.14 -11.80 2.73
N TRP A 41 37.63 -12.52 1.73
CA TRP A 41 37.28 -13.94 1.84
C TRP A 41 36.25 -14.16 2.94
N VAL A 42 35.16 -13.39 2.87
CA VAL A 42 33.98 -13.57 3.72
C VAL A 42 32.76 -13.65 2.81
N GLU A 43 31.72 -14.31 3.30
CA GLU A 43 30.48 -14.38 2.54
C GLU A 43 29.74 -13.05 2.63
N VAL A 44 29.10 -12.67 1.51
CA VAL A 44 28.31 -11.46 1.44
C VAL A 44 26.94 -11.81 0.86
N ALA A 45 26.02 -10.86 0.93
CA ALA A 45 24.66 -11.03 0.44
C ALA A 45 24.59 -10.47 -0.98
N TRP A 46 24.36 -11.34 -1.95
CA TRP A 46 24.19 -10.96 -3.35
C TRP A 46 22.69 -10.82 -3.60
N CYS A 47 22.19 -9.60 -3.45
CA CYS A 47 20.77 -9.32 -3.60
C CYS A 47 20.46 -8.93 -5.03
N GLU A 48 19.33 -9.43 -5.55
CA GLU A 48 18.89 -9.13 -6.91
C GLU A 48 17.46 -8.65 -6.88
N LEU A 49 17.18 -7.57 -7.61
CA LEU A 49 15.85 -6.99 -7.71
C LEU A 49 15.51 -6.84 -9.18
N GLN A 50 14.42 -7.48 -9.60
CA GLN A 50 14.01 -7.43 -10.99
C GLN A 50 13.55 -6.03 -11.37
N ASP A 51 13.93 -5.60 -12.58
N ASP A 51 13.93 -5.59 -12.57
CA ASP A 51 13.62 -4.24 -13.02
CA ASP A 51 13.63 -4.23 -13.02
C ASP A 51 12.13 -3.99 -13.21
C ASP A 51 12.14 -4.00 -13.25
N ARG A 52 11.32 -5.04 -13.26
CA ARG A 52 9.88 -4.85 -13.44
C ARG A 52 9.22 -4.28 -12.19
N LYS A 53 9.90 -4.32 -11.05
CA LYS A 53 9.39 -3.77 -9.81
C LYS A 53 9.87 -2.35 -9.55
N LEU A 54 10.66 -1.78 -10.46
CA LEU A 54 11.18 -0.42 -10.32
C LEU A 54 10.92 0.34 -11.62
N THR A 55 10.38 1.54 -11.50
CA THR A 55 10.24 2.39 -12.67
C THR A 55 11.61 2.84 -13.16
N LYS A 56 11.63 3.40 -14.39
CA LYS A 56 12.88 3.91 -14.94
C LYS A 56 13.45 5.03 -14.07
N ALA A 57 12.58 5.88 -13.53
CA ALA A 57 13.05 6.98 -12.68
C ALA A 57 13.62 6.46 -11.37
N GLU A 58 13.02 5.42 -10.80
CA GLU A 58 13.53 4.86 -9.56
C GLU A 58 14.87 4.19 -9.77
N GLN A 59 15.04 3.47 -10.89
CA GLN A 59 16.33 2.85 -11.19
C GLN A 59 17.41 3.90 -11.39
N GLN A 60 17.06 5.01 -12.07
CA GLN A 60 18.04 6.07 -12.29
C GLN A 60 18.40 6.78 -10.99
N ARG A 61 17.40 7.09 -10.16
CA ARG A 61 17.66 7.77 -8.90
C ARG A 61 18.48 6.89 -7.96
N PHE A 62 18.19 5.59 -7.93
CA PHE A 62 18.96 4.69 -7.08
C PHE A 62 20.40 4.57 -7.55
N LYS A 63 20.63 4.64 -8.86
CA LYS A 63 21.99 4.55 -9.39
C LYS A 63 22.86 5.69 -8.87
N GLU A 64 22.28 6.88 -8.72
CA GLU A 64 23.04 8.03 -8.24
C GLU A 64 23.18 8.00 -6.72
N GLU A 65 22.12 7.61 -6.02
CA GLU A 65 22.18 7.53 -4.56
C GLU A 65 23.15 6.46 -4.10
N ALA A 66 23.19 5.32 -4.80
CA ALA A 66 24.09 4.24 -4.42
C ALA A 66 25.55 4.59 -4.65
N GLU A 67 25.84 5.53 -5.55
CA GLU A 67 27.22 5.91 -5.80
C GLU A 67 27.86 6.56 -4.57
N MET A 68 27.06 7.24 -3.75
CA MET A 68 27.55 7.83 -2.51
C MET A 68 27.28 6.98 -1.28
N LEU A 69 26.30 6.08 -1.34
CA LEU A 69 26.01 5.23 -0.20
C LEU A 69 27.08 4.17 0.01
N LYS A 70 27.70 3.69 -1.06
CA LYS A 70 28.75 2.69 -0.92
C LYS A 70 30.04 3.29 -0.36
N GLY A 71 30.12 4.61 -0.23
CA GLY A 71 31.21 5.26 0.46
C GLY A 71 30.93 5.55 1.93
N LEU A 72 29.81 5.06 2.45
CA LEU A 72 29.42 5.31 3.83
C LEU A 72 29.61 4.02 4.65
N GLN A 73 30.19 4.16 5.82
CA GLN A 73 30.38 3.05 6.75
C GLN A 73 30.17 3.53 8.17
N HIS A 74 29.64 2.64 9.01
CA HIS A 74 29.48 2.93 10.43
C HIS A 74 29.40 1.61 11.17
N PRO A 75 30.00 1.49 12.35
CA PRO A 75 29.98 0.20 13.06
C PRO A 75 28.59 -0.29 13.44
N ASN A 76 27.59 0.58 13.45
CA ASN A 76 26.23 0.21 13.81
C ASN A 76 25.29 0.21 12.61
N ILE A 77 25.84 0.13 11.40
CA ILE A 77 25.05 0.10 10.17
C ILE A 77 25.56 -1.02 9.29
N VAL A 78 24.63 -1.83 8.77
CA VAL A 78 25.01 -2.92 7.87
C VAL A 78 25.70 -2.34 6.64
N ARG A 79 26.83 -2.93 6.27
CA ARG A 79 27.65 -2.39 5.19
C ARG A 79 26.97 -2.59 3.84
N PHE A 80 26.93 -1.53 3.04
CA PHE A 80 26.48 -1.59 1.65
C PHE A 80 27.72 -1.49 0.77
N TYR A 81 28.06 -2.59 0.09
CA TYR A 81 29.32 -2.67 -0.64
C TYR A 81 29.24 -2.02 -2.02
N ASP A 82 28.39 -2.56 -2.89
CA ASP A 82 28.37 -2.13 -4.28
C ASP A 82 27.02 -2.45 -4.88
N SER A 83 26.76 -1.86 -6.05
CA SER A 83 25.52 -2.10 -6.78
C SER A 83 25.75 -1.74 -8.24
N TRP A 84 25.01 -2.41 -9.12
CA TRP A 84 25.11 -2.19 -10.56
C TRP A 84 23.86 -2.75 -11.22
N GLU A 85 23.83 -2.66 -12.55
CA GLU A 85 22.71 -3.14 -13.35
C GLU A 85 23.16 -4.34 -14.18
N SER A 86 22.47 -5.47 -14.00
CA SER A 86 22.74 -6.68 -14.75
C SER A 86 21.80 -6.72 -15.95
N ILE A 87 22.33 -6.47 -17.13
CA ILE A 87 21.55 -6.40 -18.36
C ILE A 87 21.87 -7.63 -19.18
N LEU A 88 20.98 -8.62 -19.13
CA LEU A 88 21.14 -9.85 -19.90
C LEU A 88 19.77 -10.49 -20.11
N LYS A 89 19.69 -11.36 -21.10
CA LYS A 89 18.44 -12.02 -21.43
C LYS A 89 18.02 -12.95 -20.29
N GLY A 90 16.78 -12.81 -19.83
CA GLY A 90 16.26 -13.60 -18.75
C GLY A 90 16.52 -13.04 -17.36
N LYS A 91 17.34 -11.99 -17.24
CA LYS A 91 17.62 -11.39 -15.95
C LYS A 91 17.03 -9.98 -15.87
N LYS A 92 17.78 -9.00 -16.35
CA LYS A 92 17.42 -7.59 -16.33
C LYS A 92 17.01 -7.16 -14.91
N CYS A 93 18.03 -7.05 -14.07
CA CYS A 93 17.83 -6.80 -12.65
C CYS A 93 18.90 -5.85 -12.13
N ILE A 94 18.69 -5.38 -10.90
CA ILE A 94 19.66 -4.58 -10.17
C ILE A 94 20.23 -5.43 -9.07
N VAL A 95 21.55 -5.49 -8.97
CA VAL A 95 22.25 -6.29 -7.98
C VAL A 95 22.76 -5.38 -6.87
N LEU A 96 22.57 -5.80 -5.62
CA LEU A 96 23.11 -5.10 -4.46
C LEU A 96 23.92 -6.08 -3.64
N VAL A 97 25.13 -5.70 -3.28
CA VAL A 97 26.01 -6.50 -2.44
C VAL A 97 26.10 -5.84 -1.07
N THR A 98 25.62 -6.53 -0.05
CA THR A 98 25.60 -6.01 1.31
C THR A 98 26.28 -6.99 2.26
N GLU A 99 26.51 -6.52 3.48
CA GLU A 99 27.05 -7.38 4.52
C GLU A 99 26.03 -8.45 4.88
N LEU A 100 26.47 -9.70 4.98
CA LEU A 100 25.60 -10.83 5.25
C LEU A 100 25.42 -10.97 6.76
N MET A 101 24.21 -10.70 7.24
CA MET A 101 23.86 -10.85 8.65
C MET A 101 23.16 -12.19 8.84
N THR A 102 23.75 -13.05 9.66
CA THR A 102 23.23 -14.39 9.88
C THR A 102 22.80 -14.64 11.32
N SER A 103 22.95 -13.66 12.21
CA SER A 103 22.64 -13.84 13.63
C SER A 103 21.22 -13.41 13.98
N GLY A 104 20.35 -13.26 12.97
CA GLY A 104 18.97 -12.88 13.22
C GLY A 104 18.81 -11.41 13.52
N THR A 105 17.56 -11.02 13.72
CA THR A 105 17.19 -9.64 13.99
C THR A 105 16.70 -9.51 15.43
N LEU A 106 16.36 -8.27 15.82
CA LEU A 106 15.75 -8.05 17.12
C LEU A 106 14.38 -8.70 17.21
N LYS A 107 13.63 -8.68 16.10
CA LYS A 107 12.33 -9.36 16.06
C LYS A 107 12.51 -10.86 16.29
N THR A 108 13.61 -11.44 15.79
CA THR A 108 13.83 -12.87 15.94
C THR A 108 13.85 -13.28 17.41
N TYR A 109 14.44 -12.47 18.27
CA TYR A 109 14.55 -12.79 19.69
C TYR A 109 13.46 -12.13 20.53
N LEU A 110 12.71 -11.18 19.97
CA LEU A 110 11.53 -10.68 20.65
C LEU A 110 10.35 -11.64 20.53
N LYS A 111 10.33 -12.45 19.47
CA LYS A 111 9.30 -13.48 19.32
C LYS A 111 9.54 -14.67 20.23
N ARG A 112 10.72 -14.77 20.85
CA ARG A 112 11.07 -15.93 21.65
C ARG A 112 11.24 -15.63 23.13
N PHE A 113 11.30 -14.35 23.52
CA PHE A 113 11.46 -13.96 24.91
C PHE A 113 10.47 -12.85 25.24
N LYS A 114 10.04 -12.83 26.51
CA LYS A 114 8.99 -11.91 26.94
C LYS A 114 9.55 -10.58 27.43
N VAL A 115 10.51 -10.62 28.34
CA VAL A 115 11.04 -9.42 28.99
C VAL A 115 12.49 -9.21 28.57
N MET A 116 12.82 -7.96 28.24
CA MET A 116 14.19 -7.57 27.93
C MET A 116 14.78 -6.82 29.11
N LYS A 117 16.02 -7.15 29.46
CA LYS A 117 16.68 -6.50 30.59
C LYS A 117 16.86 -5.01 30.29
N PRO A 118 16.63 -4.14 31.26
CA PRO A 118 16.77 -2.69 31.00
C PRO A 118 18.16 -2.29 30.58
N LYS A 119 19.20 -3.00 31.03
CA LYS A 119 20.56 -2.70 30.60
C LYS A 119 20.77 -3.02 29.13
N VAL A 120 20.10 -4.06 28.63
CA VAL A 120 20.23 -4.42 27.22
C VAL A 120 19.44 -3.45 26.35
N LEU A 121 18.24 -3.07 26.78
CA LEU A 121 17.44 -2.11 26.03
C LEU A 121 18.15 -0.76 25.97
N ARG A 122 18.85 -0.39 27.04
CA ARG A 122 19.59 0.87 27.03
C ARG A 122 20.78 0.81 26.07
N SER A 123 21.51 -0.30 26.07
CA SER A 123 22.69 -0.40 25.21
C SER A 123 22.31 -0.47 23.75
N TRP A 124 21.25 -1.22 23.41
CA TRP A 124 20.86 -1.37 22.01
C TRP A 124 20.26 -0.08 21.46
N CYS A 125 19.40 0.58 22.23
CA CYS A 125 18.80 1.83 21.76
C CYS A 125 19.86 2.91 21.58
N ARG A 126 20.88 2.92 22.45
CA ARG A 126 21.95 3.91 22.31
C ARG A 126 22.76 3.68 21.04
N GLN A 127 23.03 2.42 20.70
CA GLN A 127 23.77 2.13 19.48
C GLN A 127 22.95 2.48 18.24
N ILE A 128 21.63 2.32 18.31
CA ILE A 128 20.77 2.74 17.21
C ILE A 128 20.79 4.26 17.07
N LEU A 129 20.71 4.97 18.20
CA LEU A 129 20.75 6.43 18.16
C LEU A 129 22.09 6.93 17.64
N LYS A 130 23.18 6.24 17.98
CA LYS A 130 24.48 6.63 17.46
C LYS A 130 24.56 6.47 15.95
N GLY A 131 23.96 5.39 15.42
CA GLY A 131 23.94 5.21 13.97
C GLY A 131 23.11 6.27 13.28
N LEU A 132 21.95 6.61 13.84
CA LEU A 132 21.11 7.64 13.26
C LEU A 132 21.77 9.01 13.38
N GLN A 133 22.44 9.28 14.50
CA GLN A 133 23.14 10.54 14.68
C GLN A 133 24.20 10.73 13.60
N PHE A 134 24.92 9.67 13.26
CA PHE A 134 25.94 9.76 12.22
C PHE A 134 25.31 10.02 10.86
N LEU A 135 24.12 9.45 10.60
CA LEU A 135 23.46 9.66 9.33
C LEU A 135 22.93 11.09 9.20
N HIS A 136 22.24 11.56 10.23
CA HIS A 136 21.59 12.87 10.17
C HIS A 136 22.58 14.02 10.16
N THR A 137 23.80 13.81 10.64
CA THR A 137 24.80 14.86 10.71
C THR A 137 25.72 14.90 9.50
N ARG A 138 25.48 14.07 8.49
CA ARG A 138 26.28 14.13 7.28
C ARG A 138 25.88 15.35 6.44
N THR A 139 26.66 15.59 5.40
CA THR A 139 26.38 16.68 4.45
C THR A 139 26.26 16.09 3.05
N PRO A 140 25.05 16.01 2.48
CA PRO A 140 23.78 16.38 3.12
C PRO A 140 23.28 15.32 4.09
N PRO A 141 22.32 15.66 4.95
CA PRO A 141 21.79 14.67 5.89
C PRO A 141 21.21 13.45 5.17
N ILE A 142 21.24 12.32 5.86
CA ILE A 142 20.75 11.06 5.32
C ILE A 142 19.70 10.50 6.27
N ILE A 143 18.53 10.19 5.73
CA ILE A 143 17.43 9.61 6.50
C ILE A 143 17.39 8.11 6.21
N HIS A 144 17.31 7.30 7.26
CA HIS A 144 17.33 5.85 7.08
C HIS A 144 16.04 5.37 6.42
N ARG A 145 14.89 5.80 6.96
CA ARG A 145 13.56 5.58 6.41
C ARG A 145 13.08 4.14 6.47
N ASP A 146 13.83 3.22 7.08
CA ASP A 146 13.42 1.83 7.19
C ASP A 146 13.86 1.25 8.52
N LEU A 147 13.57 1.97 9.60
CA LEU A 147 13.98 1.57 10.94
C LEU A 147 12.86 0.77 11.61
N LYS A 148 13.14 -0.49 11.91
CA LYS A 148 12.21 -1.34 12.64
C LYS A 148 12.99 -2.52 13.21
N CYS A 149 12.42 -3.15 14.23
CA CYS A 149 13.09 -4.27 14.89
C CYS A 149 13.32 -5.42 13.93
N ASP A 150 12.50 -5.54 12.89
CA ASP A 150 12.74 -6.54 11.86
C ASP A 150 13.89 -6.16 10.95
N ASN A 151 14.43 -4.95 11.09
CA ASN A 151 15.54 -4.46 10.26
C ASN A 151 16.73 -4.04 11.11
N ILE A 152 16.86 -4.60 12.31
CA ILE A 152 18.00 -4.35 13.19
C ILE A 152 18.63 -5.69 13.51
N PHE A 153 19.90 -5.85 13.16
CA PHE A 153 20.55 -7.15 13.16
C PHE A 153 21.57 -7.25 14.29
N ILE A 154 21.71 -8.46 14.81
CA ILE A 154 22.65 -8.76 15.89
C ILE A 154 23.99 -9.16 15.29
N THR A 155 25.08 -8.67 15.89
CA THR A 155 26.43 -9.09 15.55
C THR A 155 26.97 -9.99 16.64
N GLY A 156 27.72 -11.02 16.23
CA GLY A 156 28.25 -12.00 17.14
C GLY A 156 29.00 -11.44 18.32
N PRO A 157 30.14 -10.78 18.07
CA PRO A 157 30.95 -10.26 19.18
C PRO A 157 30.24 -9.15 19.94
N THR A 158 30.27 -9.25 21.27
CA THR A 158 29.75 -8.25 22.19
C THR A 158 28.25 -8.01 22.04
N GLY A 159 27.60 -8.73 21.14
CA GLY A 159 26.16 -8.58 20.96
C GLY A 159 25.75 -7.21 20.48
N SER A 160 26.56 -6.58 19.64
CA SER A 160 26.22 -5.27 19.10
C SER A 160 25.10 -5.39 18.07
N VAL A 161 24.43 -4.28 17.83
CA VAL A 161 23.34 -4.22 16.86
C VAL A 161 23.75 -3.34 15.69
N LYS A 162 23.18 -3.65 14.52
CA LYS A 162 23.39 -2.86 13.31
C LYS A 162 22.04 -2.65 12.64
N ILE A 163 21.78 -1.42 12.22
CA ILE A 163 20.58 -1.13 11.47
C ILE A 163 20.77 -1.50 10.01
N GLY A 164 19.66 -1.75 9.32
CA GLY A 164 19.73 -2.22 7.94
C GLY A 164 20.50 -1.27 7.04
N ASP A 165 21.13 -1.84 6.02
CA ASP A 165 21.96 -1.06 5.12
C ASP A 165 21.13 0.00 4.39
N LEU A 166 21.80 1.08 4.00
CA LEU A 166 21.12 2.20 3.35
C LEU A 166 20.72 1.90 1.91
N GLY A 167 21.40 0.96 1.25
CA GLY A 167 21.05 0.63 -0.12
C GLY A 167 19.66 0.02 -0.22
N LEU A 168 19.38 -0.97 0.65
CA LEU A 168 18.04 -1.54 0.68
C LEU A 168 17.04 -0.60 1.32
N ALA A 169 17.48 0.21 2.28
CA ALA A 169 16.58 1.13 2.97
C ALA A 169 16.03 2.18 2.02
N THR A 170 16.86 2.69 1.11
CA THR A 170 16.37 3.69 0.16
C THR A 170 15.46 3.07 -0.90
N LEU A 171 15.59 1.77 -1.15
CA LEU A 171 14.68 1.10 -2.08
C LEU A 171 13.29 0.92 -1.50
N MET A 172 13.11 1.14 -0.19
CA MET A 172 11.78 1.09 0.40
C MET A 172 10.93 2.31 0.07
N ARG A 173 11.52 3.34 -0.55
CA ARG A 173 10.77 4.52 -0.97
C ARG A 173 9.98 4.28 -2.25
N THR A 174 10.32 3.25 -3.02
CA THR A 174 9.71 3.00 -4.30
C THR A 174 8.24 2.59 -4.18
N SEP A 175 7.48 2.77 -5.25
CA SEP A 175 6.05 2.49 -5.25
CB SEP A 175 5.44 2.87 -6.60
OG SEP A 175 5.54 4.26 -6.83
C SEP A 175 5.74 1.03 -4.92
O SEP A 175 4.77 0.74 -4.24
P SEP A 175 4.67 4.67 -8.13
O1P SEP A 175 4.53 3.39 -9.10
O2P SEP A 175 5.43 5.86 -8.92
O3P SEP A 175 3.22 5.17 -7.68
N PHE A 176 6.57 0.13 -5.44
CA PHE A 176 6.37 -1.30 -5.21
C PHE A 176 6.54 -1.64 -3.73
N ALA A 177 7.63 -1.18 -3.14
CA ALA A 177 7.93 -1.53 -1.75
C ALA A 177 6.89 -0.94 -0.80
N LYS A 178 6.45 0.30 -1.05
CA LYS A 178 5.51 0.93 -0.14
C LYS A 178 4.14 0.25 -0.16
N SER A 179 3.76 -0.35 -1.28
CA SER A 179 2.44 -0.94 -1.42
C SER A 179 2.44 -2.46 -1.24
N VAL A 180 3.59 -3.12 -1.27
CA VAL A 180 3.68 -4.57 -1.20
C VAL A 180 4.35 -5.02 0.10
N ILE A 181 5.48 -4.42 0.46
CA ILE A 181 6.23 -4.83 1.64
C ILE A 181 6.31 -3.69 2.66
N GLY A 182 5.45 -2.69 2.54
CA GLY A 182 5.50 -1.57 3.47
C GLY A 182 5.00 -1.94 4.86
N THR A 183 5.58 -1.29 5.86
CA THR A 183 5.18 -1.45 7.26
C THR A 183 4.75 -0.07 7.78
N PRO A 184 3.50 0.32 7.52
CA PRO A 184 3.08 1.69 7.85
C PRO A 184 3.00 1.97 9.35
N GLU A 185 3.01 0.94 10.21
CA GLU A 185 2.92 1.19 11.64
C GLU A 185 4.18 1.84 12.21
N PHE A 186 5.25 1.93 11.44
CA PHE A 186 6.47 2.62 11.86
C PHE A 186 6.63 3.97 11.20
N MET A 187 5.67 4.40 10.37
CA MET A 187 5.78 5.65 9.64
C MET A 187 5.23 6.81 10.46
N ALA A 188 5.96 7.92 10.45
CA ALA A 188 5.48 9.14 11.08
C ALA A 188 4.27 9.67 10.32
N PRO A 189 3.40 10.44 10.99
CA PRO A 189 2.23 10.99 10.28
C PRO A 189 2.59 11.87 9.11
N GLU A 190 3.67 12.65 9.22
CA GLU A 190 4.10 13.49 8.11
C GLU A 190 4.87 12.72 7.04
N MET A 191 5.22 11.46 7.30
CA MET A 191 5.92 10.66 6.31
C MET A 191 5.01 10.26 5.15
N TYR A 192 3.69 10.27 5.36
CA TYR A 192 2.76 9.99 4.27
C TYR A 192 2.74 11.10 3.23
N GLU A 193 3.28 12.28 3.55
CA GLU A 193 3.29 13.40 2.64
C GLU A 193 4.49 13.29 1.68
N GLU A 194 4.56 14.24 0.74
CA GLU A 194 5.57 14.18 -0.31
C GLU A 194 6.96 14.56 0.21
N HIS A 195 7.03 15.37 1.27
CA HIS A 195 8.30 15.83 1.80
C HIS A 195 8.32 15.67 3.31
N TYR A 196 9.45 15.21 3.83
CA TYR A 196 9.64 15.04 5.27
C TYR A 196 11.12 15.13 5.57
N ASP A 197 11.45 15.17 6.87
CA ASP A 197 12.84 15.33 7.28
C ASP A 197 13.31 14.18 8.17
N GLU A 198 14.38 14.41 8.93
CA GLU A 198 15.02 13.36 9.72
C GLU A 198 14.26 13.03 10.99
N SER A 199 13.33 13.88 11.42
CA SER A 199 12.50 13.54 12.57
C SER A 199 11.67 12.28 12.34
N VAL A 200 11.53 11.86 11.07
CA VAL A 200 10.85 10.61 10.77
C VAL A 200 11.59 9.43 11.40
N ASP A 201 12.92 9.48 11.43
CA ASP A 201 13.69 8.42 12.06
C ASP A 201 13.47 8.41 13.58
N VAL A 202 13.28 9.58 14.19
CA VAL A 202 12.99 9.64 15.62
C VAL A 202 11.67 8.96 15.92
N TYR A 203 10.69 9.13 15.04
CA TYR A 203 9.40 8.47 15.22
C TYR A 203 9.56 6.96 15.15
N ALA A 204 10.24 6.46 14.12
CA ALA A 204 10.43 5.02 13.97
C ALA A 204 11.26 4.45 15.12
N PHE A 205 12.22 5.23 15.64
CA PHE A 205 12.99 4.77 16.79
C PHE A 205 12.10 4.61 18.02
N GLY A 206 11.13 5.51 18.20
CA GLY A 206 10.20 5.37 19.30
C GLY A 206 9.34 4.12 19.19
N MET A 207 8.99 3.73 17.96
CA MET A 207 8.24 2.49 17.77
C MET A 207 9.13 1.26 17.97
N CYS A 208 10.44 1.40 17.73
CA CYS A 208 11.36 0.30 17.99
C CYS A 208 11.49 0.05 19.48
N MET A 209 11.66 1.12 20.26
CA MET A 209 11.75 0.96 21.71
C MET A 209 10.44 0.43 22.29
N LEU A 210 9.31 0.86 21.72
CA LEU A 210 8.02 0.31 22.13
C LEU A 210 7.93 -1.19 21.84
N GLU A 211 8.56 -1.65 20.76
CA GLU A 211 8.54 -3.07 20.45
C GLU A 211 9.49 -3.85 21.35
N MET A 212 10.59 -3.24 21.79
CA MET A 212 11.49 -3.92 22.71
C MET A 212 10.89 -4.01 24.11
N ALA A 213 10.22 -2.95 24.55
CA ALA A 213 9.67 -2.90 25.90
C ALA A 213 8.41 -3.73 26.07
N THR A 214 7.79 -4.18 24.99
CA THR A 214 6.55 -4.96 25.07
C THR A 214 6.61 -6.29 24.33
N SER A 215 7.59 -6.52 23.46
CA SER A 215 7.66 -7.73 22.64
C SER A 215 6.39 -7.92 21.83
N GLU A 216 5.76 -6.82 21.44
CA GLU A 216 4.50 -6.84 20.72
C GLU A 216 4.57 -5.89 19.54
N TYR A 217 3.96 -6.29 18.43
CA TYR A 217 4.02 -5.49 17.22
C TYR A 217 3.16 -4.24 17.37
N PRO A 218 3.67 -3.05 17.06
CA PRO A 218 2.87 -1.84 17.21
C PRO A 218 1.69 -1.82 16.25
N TYR A 219 0.56 -1.29 16.74
CA TYR A 219 -0.69 -1.21 15.97
C TYR A 219 -1.14 -2.58 15.46
N SER A 220 -0.89 -3.63 16.24
CA SER A 220 -1.30 -4.97 15.84
C SER A 220 -2.82 -5.15 15.88
N GLU A 221 -3.56 -4.24 16.52
CA GLU A 221 -5.01 -4.33 16.52
C GLU A 221 -5.60 -4.00 15.16
N CYS A 222 -4.89 -3.18 14.37
CA CYS A 222 -5.37 -2.82 13.04
C CYS A 222 -5.21 -4.00 12.08
N GLN A 223 -6.04 -4.01 11.04
CA GLN A 223 -6.01 -5.06 10.05
C GLN A 223 -5.61 -4.58 8.66
N ASN A 224 -5.52 -3.27 8.43
CA ASN A 224 -5.14 -2.74 7.13
C ASN A 224 -4.39 -1.43 7.34
N ALA A 225 -3.75 -0.96 6.26
CA ALA A 225 -2.99 0.28 6.34
C ALA A 225 -3.88 1.50 6.52
N ALA A 226 -5.14 1.43 6.05
CA ALA A 226 -6.04 2.56 6.18
C ALA A 226 -6.39 2.82 7.65
N GLN A 227 -6.57 1.76 8.43
CA GLN A 227 -6.85 1.94 9.85
C GLN A 227 -5.64 2.51 10.58
N ILE A 228 -4.44 2.11 10.18
CA ILE A 228 -3.23 2.65 10.79
C ILE A 228 -3.08 4.13 10.47
N TYR A 229 -3.41 4.51 9.23
CA TYR A 229 -3.26 5.91 8.84
C TYR A 229 -4.21 6.81 9.62
N ARG A 230 -5.46 6.37 9.82
CA ARG A 230 -6.43 7.21 10.52
C ARG A 230 -6.09 7.37 11.99
N LYS A 231 -5.51 6.33 12.62
CA LYS A 231 -5.11 6.45 14.01
C LYS A 231 -3.93 7.41 14.16
N VAL A 232 -2.92 7.28 13.29
CA VAL A 232 -1.71 8.09 13.43
C VAL A 232 -2.00 9.55 13.11
N THR A 233 -2.76 9.82 12.06
CA THR A 233 -3.07 11.19 11.68
C THR A 233 -4.11 11.84 12.58
N SER A 234 -4.65 11.11 13.56
CA SER A 234 -5.58 11.69 14.54
C SER A 234 -5.01 11.68 15.95
N GLY A 235 -3.71 11.42 16.10
CA GLY A 235 -3.08 11.43 17.41
C GLY A 235 -3.40 10.24 18.28
N ILE A 236 -3.97 9.18 17.72
CA ILE A 236 -4.34 8.00 18.50
C ILE A 236 -3.12 7.08 18.60
N LYS A 237 -2.60 6.92 19.80
CA LYS A 237 -1.46 6.05 20.03
C LYS A 237 -1.88 4.59 19.94
N PRO A 238 -0.95 3.69 19.65
CA PRO A 238 -1.29 2.26 19.61
C PRO A 238 -1.67 1.73 20.97
N ALA A 239 -2.32 0.55 20.96
CA ALA A 239 -2.81 -0.04 22.20
C ALA A 239 -1.66 -0.54 23.07
N SER A 240 -0.58 -1.03 22.46
CA SER A 240 0.54 -1.53 23.23
C SER A 240 1.32 -0.44 23.95
N PHE A 241 1.03 0.83 23.68
CA PHE A 241 1.72 1.91 24.37
C PHE A 241 1.42 1.93 25.86
N ASN A 242 0.22 1.50 26.26
CA ASN A 242 -0.15 1.45 27.66
C ASN A 242 0.37 0.22 28.38
N LYS A 243 0.99 -0.72 27.66
CA LYS A 243 1.56 -1.91 28.27
C LYS A 243 3.00 -1.71 28.71
N VAL A 244 3.51 -0.49 28.63
CA VAL A 244 4.88 -0.20 29.08
C VAL A 244 4.88 -0.07 30.59
N THR A 245 5.64 -0.95 31.26
CA THR A 245 5.67 -0.92 32.72
C THR A 245 6.55 0.21 33.25
N ASP A 246 7.70 0.43 32.62
CA ASP A 246 8.62 1.47 33.08
C ASP A 246 8.06 2.85 32.74
N PRO A 247 7.85 3.71 33.73
CA PRO A 247 7.32 5.05 33.42
C PRO A 247 8.30 5.91 32.63
N GLU A 248 9.59 5.79 32.92
CA GLU A 248 10.58 6.60 32.20
C GLU A 248 10.71 6.15 30.75
N VAL A 249 10.66 4.84 30.51
CA VAL A 249 10.68 4.34 29.13
C VAL A 249 9.43 4.78 28.40
N LYS A 250 8.28 4.75 29.08
CA LYS A 250 7.03 5.21 28.47
C LYS A 250 7.07 6.70 28.17
N GLU A 251 7.82 7.46 28.97
CA GLU A 251 7.94 8.90 28.73
C GLU A 251 8.77 9.17 27.48
N ILE A 252 9.85 8.41 27.28
CA ILE A 252 10.70 8.62 26.12
C ILE A 252 9.98 8.24 24.84
N ILE A 253 9.18 7.16 24.89
CA ILE A 253 8.45 6.72 23.70
C ILE A 253 7.44 7.76 23.26
N GLU A 254 6.73 8.36 24.23
CA GLU A 254 5.75 9.38 23.87
C GLU A 254 6.40 10.58 23.20
N GLY A 255 7.55 11.02 23.71
CA GLY A 255 8.26 12.15 23.11
C GLY A 255 8.78 11.87 21.72
N CYS A 256 8.84 10.60 21.32
CA CYS A 256 9.31 10.24 19.98
C CYS A 256 8.17 10.04 18.98
N ILE A 257 6.96 9.79 19.45
CA ILE A 257 5.84 9.51 18.57
C ILE A 257 4.79 10.62 18.61
N ARG A 258 5.18 11.81 19.06
CA ARG A 258 4.25 12.95 19.05
C ARG A 258 3.89 13.33 17.62
N GLN A 259 2.61 13.62 17.40
CA GLN A 259 2.13 13.87 16.04
C GLN A 259 2.78 15.10 15.44
N ASN A 260 2.97 16.15 16.23
CA ASN A 260 3.62 17.36 15.74
C ASN A 260 5.14 17.18 15.83
N LYS A 261 5.81 17.24 14.68
CA LYS A 261 7.25 17.00 14.66
C LYS A 261 8.04 18.10 15.36
N SER A 262 7.45 19.29 15.53
N SER A 262 7.46 19.29 15.52
CA SER A 262 8.15 20.35 16.25
CA SER A 262 8.15 20.35 16.25
C SER A 262 8.19 20.07 17.74
C SER A 262 8.19 20.07 17.74
N GLU A 263 7.14 19.44 18.28
CA GLU A 263 7.12 19.05 19.68
C GLU A 263 7.84 17.73 19.93
N ARG A 264 8.26 17.05 18.87
CA ARG A 264 8.89 15.75 18.98
C ARG A 264 10.34 15.89 19.41
N LEU A 265 10.82 14.89 20.16
CA LEU A 265 12.21 14.87 20.60
C LEU A 265 13.15 14.74 19.40
N SER A 266 14.41 15.08 19.63
CA SER A 266 15.45 14.96 18.63
C SER A 266 16.46 13.91 19.06
N ILE A 267 17.31 13.50 18.11
CA ILE A 267 18.39 12.58 18.42
C ILE A 267 19.31 13.16 19.48
N ARG A 268 19.51 14.48 19.45
CA ARG A 268 20.33 15.14 20.46
C ARG A 268 19.70 15.01 21.85
N ASP A 269 18.39 15.26 21.95
CA ASP A 269 17.72 15.18 23.24
C ASP A 269 17.71 13.75 23.78
N LEU A 270 17.61 12.75 22.89
CA LEU A 270 17.61 11.36 23.34
C LEU A 270 18.98 10.94 23.87
N LEU A 271 20.05 11.32 23.17
CA LEU A 271 21.38 10.95 23.60
C LEU A 271 21.80 11.68 24.87
N ASN A 272 21.26 12.88 25.10
CA ASN A 272 21.53 13.63 26.32
C ASN A 272 20.58 13.27 27.46
N HIS A 273 19.61 12.38 27.21
CA HIS A 273 18.69 11.96 28.25
C HIS A 273 19.40 11.07 29.27
N ALA A 274 18.93 11.14 30.52
CA ALA A 274 19.59 10.40 31.60
C ALA A 274 19.45 8.90 31.42
N PHE A 275 18.41 8.44 30.73
CA PHE A 275 18.20 7.01 30.54
C PHE A 275 19.20 6.41 29.56
N PHE A 276 19.75 7.21 28.65
CA PHE A 276 20.70 6.71 27.67
C PHE A 276 22.12 7.15 28.01
N SER B 1 -33.36 16.26 -2.72
CA SER B 1 -34.46 17.08 -2.25
C SER B 1 -34.52 17.12 -0.71
N MET B 2 -33.85 18.12 -0.15
CA MET B 2 -33.76 18.35 1.29
C MET B 2 -34.11 19.81 1.56
N GLU B 3 -35.41 20.11 1.40
CA GLU B 3 -35.92 21.47 1.54
C GLU B 3 -35.84 22.02 2.95
N ALA B 4 -35.68 21.14 3.95
CA ALA B 4 -35.51 21.52 5.35
C ALA B 4 -34.07 21.88 5.70
N GLU B 5 -33.11 21.58 4.82
CA GLU B 5 -31.72 21.94 5.05
C GLU B 5 -31.46 23.33 4.49
N MET B 6 -30.87 24.20 5.32
CA MET B 6 -30.66 25.59 4.95
C MET B 6 -29.21 26.04 5.06
N LYS B 7 -28.28 25.17 5.45
CA LYS B 7 -26.89 25.54 5.67
C LYS B 7 -26.04 25.01 4.52
N ALA B 8 -26.01 25.78 3.43
CA ALA B 8 -25.16 25.47 2.27
C ALA B 8 -23.86 26.25 2.42
N VAL B 9 -22.75 25.52 2.60
CA VAL B 9 -21.48 26.14 2.93
C VAL B 9 -20.53 26.28 1.74
N ALA B 10 -20.80 25.61 0.62
CA ALA B 10 -19.92 25.68 -0.52
C ALA B 10 -20.70 25.39 -1.79
N THR B 11 -20.11 25.77 -2.92
CA THR B 11 -20.73 25.55 -4.23
C THR B 11 -19.64 25.27 -5.25
N SER B 12 -20.03 24.62 -6.34
CA SER B 12 -19.12 24.33 -7.43
C SER B 12 -18.84 25.59 -8.25
N PRO B 13 -17.71 25.64 -8.94
CA PRO B 13 -17.43 26.81 -9.79
C PRO B 13 -18.50 27.07 -10.83
N SER B 14 -19.17 26.03 -11.32
CA SER B 14 -20.28 26.21 -12.25
C SER B 14 -21.57 26.64 -11.55
N GLY B 15 -21.63 26.55 -10.23
CA GLY B 15 -22.81 26.89 -9.48
C GLY B 15 -23.91 25.87 -9.50
N ARG B 16 -23.64 24.64 -9.97
CA ARG B 16 -24.68 23.63 -10.05
C ARG B 16 -24.84 22.86 -8.76
N PHE B 17 -23.73 22.55 -8.09
CA PHE B 17 -23.76 21.69 -6.90
C PHE B 17 -23.54 22.52 -5.64
N LEU B 18 -24.17 22.07 -4.56
CA LEU B 18 -24.19 22.79 -3.29
C LEU B 18 -23.80 21.83 -2.18
N LYS B 19 -22.85 22.24 -1.35
CA LYS B 19 -22.38 21.43 -0.24
C LYS B 19 -23.10 21.80 1.05
N PHE B 20 -23.53 20.79 1.80
CA PHE B 20 -24.09 20.97 3.12
C PHE B 20 -23.16 20.35 4.16
N ASP B 21 -23.14 20.94 5.35
CA ASP B 21 -22.26 20.47 6.42
C ASP B 21 -22.84 19.22 7.09
N ILE B 22 -23.05 18.20 6.26
CA ILE B 22 -23.61 16.93 6.69
C ILE B 22 -22.62 15.86 6.25
N GLU B 23 -21.83 15.35 7.20
CA GLU B 23 -20.82 14.34 6.90
C GLU B 23 -21.47 12.97 6.80
N LEU B 24 -21.42 12.36 5.62
CA LEU B 24 -21.99 11.04 5.44
C LEU B 24 -21.01 9.94 5.85
N GLY B 25 -19.73 10.13 5.56
CA GLY B 25 -18.72 9.16 5.92
C GLY B 25 -17.31 9.71 5.79
N ARG B 26 -16.40 9.22 6.63
CA ARG B 26 -15.02 9.68 6.63
C ARG B 26 -14.09 8.49 6.51
N GLY B 27 -13.14 8.56 5.58
CA GLY B 27 -12.18 7.49 5.39
C GLY B 27 -10.75 7.98 5.41
N ALA B 28 -9.81 7.09 5.08
CA ALA B 28 -8.40 7.47 5.07
C ALA B 28 -8.04 8.31 3.85
N PHE B 29 -8.83 8.23 2.78
CA PHE B 29 -8.53 8.93 1.53
C PHE B 29 -9.45 10.11 1.26
N LYS B 30 -10.75 9.97 1.52
CA LYS B 30 -11.71 11.02 1.22
C LYS B 30 -12.70 11.17 2.35
N THR B 31 -13.39 12.32 2.36
CA THR B 31 -14.51 12.58 3.24
C THR B 31 -15.73 12.90 2.39
N VAL B 32 -16.85 12.26 2.70
CA VAL B 32 -18.07 12.37 1.90
C VAL B 32 -19.06 13.24 2.65
N TYR B 33 -19.52 14.31 1.99
CA TYR B 33 -20.57 15.17 2.50
C TYR B 33 -21.80 15.05 1.62
N LYS B 34 -22.98 15.29 2.21
CA LYS B 34 -24.22 15.25 1.46
C LYS B 34 -24.36 16.53 0.66
N GLY B 35 -24.23 16.42 -0.67
CA GLY B 35 -24.38 17.55 -1.56
C GLY B 35 -25.78 17.63 -2.14
N LEU B 36 -25.97 18.62 -3.02
CA LEU B 36 -27.27 18.84 -3.64
C LEU B 36 -27.07 19.34 -5.07
N ASP B 37 -27.69 18.65 -6.01
CA ASP B 37 -27.69 19.08 -7.42
C ASP B 37 -28.86 20.04 -7.61
N THR B 38 -28.55 21.33 -7.78
CA THR B 38 -29.58 22.35 -7.87
C THR B 38 -30.35 22.30 -9.19
N GLU B 39 -29.96 21.44 -10.12
CA GLU B 39 -30.67 21.30 -11.39
C GLU B 39 -31.61 20.11 -11.43
N THR B 40 -31.48 19.18 -10.48
CA THR B 40 -32.43 18.07 -10.35
C THR B 40 -32.99 17.94 -8.94
N TRP B 41 -32.45 18.67 -7.96
CA TRP B 41 -32.87 18.57 -6.56
C TRP B 41 -32.79 17.13 -6.05
N VAL B 42 -31.73 16.44 -6.47
CA VAL B 42 -31.44 15.09 -6.01
C VAL B 42 -30.14 15.14 -5.20
N GLU B 43 -30.11 14.39 -4.10
CA GLU B 43 -28.92 14.34 -3.27
C GLU B 43 -27.75 13.74 -4.05
N VAL B 44 -26.59 14.37 -3.92
CA VAL B 44 -25.36 13.90 -4.56
C VAL B 44 -24.28 13.77 -3.51
N ALA B 45 -23.21 13.07 -3.87
CA ALA B 45 -22.08 12.85 -2.98
C ALA B 45 -21.02 13.93 -3.20
N TRP B 46 -20.69 14.65 -2.14
CA TRP B 46 -19.66 15.69 -2.17
C TRP B 46 -18.42 15.11 -1.52
N CYS B 47 -17.47 14.68 -2.34
CA CYS B 47 -16.26 14.00 -1.87
C CYS B 47 -15.08 14.96 -1.89
N GLU B 48 -14.36 15.02 -0.78
CA GLU B 48 -13.21 15.93 -0.63
C GLU B 48 -11.96 15.12 -0.33
N LEU B 49 -10.89 15.41 -1.09
CA LEU B 49 -9.59 14.81 -0.89
C LEU B 49 -8.61 15.91 -0.50
N GLN B 50 -7.97 15.75 0.67
CA GLN B 50 -7.00 16.74 1.11
C GLN B 50 -5.87 16.86 0.10
N ASP B 51 -5.41 18.10 -0.11
CA ASP B 51 -4.44 18.39 -1.17
C ASP B 51 -3.14 17.63 -0.97
N ARG B 52 -2.72 17.41 0.28
CA ARG B 52 -1.44 16.76 0.53
C ARG B 52 -1.41 15.29 0.17
N LYS B 53 -2.56 14.68 -0.13
CA LYS B 53 -2.62 13.27 -0.49
C LYS B 53 -2.41 13.03 -1.98
N LEU B 54 -2.39 14.08 -2.79
CA LEU B 54 -2.14 13.97 -4.22
C LEU B 54 -1.05 14.96 -4.61
N THR B 55 -0.05 14.48 -5.34
CA THR B 55 0.95 15.38 -5.88
C THR B 55 0.32 16.27 -6.96
N LYS B 56 0.99 17.39 -7.24
CA LYS B 56 0.48 18.32 -8.24
C LYS B 56 0.41 17.66 -9.62
N ALA B 57 1.38 16.80 -9.93
CA ALA B 57 1.35 16.09 -11.21
C ALA B 57 0.17 15.12 -11.27
N GLU B 58 -0.20 14.52 -10.15
CA GLU B 58 -1.38 13.64 -10.13
C GLU B 58 -2.67 14.44 -10.25
N GLN B 59 -2.72 15.62 -9.63
CA GLN B 59 -3.91 16.46 -9.74
C GLN B 59 -4.11 16.95 -11.16
N GLN B 60 -3.02 17.37 -11.82
CA GLN B 60 -3.12 17.77 -13.23
C GLN B 60 -3.51 16.58 -14.10
N ARG B 61 -2.99 15.40 -13.78
CA ARG B 61 -3.33 14.21 -14.54
C ARG B 61 -4.81 13.86 -14.38
N PHE B 62 -5.33 13.97 -13.16
CA PHE B 62 -6.74 13.66 -12.94
C PHE B 62 -7.65 14.68 -13.61
N LYS B 63 -7.24 15.96 -13.62
CA LYS B 63 -8.07 16.98 -14.24
C LYS B 63 -8.16 16.80 -15.75
N GLU B 64 -7.06 16.39 -16.38
CA GLU B 64 -7.09 16.11 -17.82
C GLU B 64 -7.94 14.90 -18.13
N GLU B 65 -7.99 13.92 -17.22
CA GLU B 65 -8.80 12.72 -17.46
C GLU B 65 -10.25 12.92 -17.03
N ALA B 66 -10.49 13.77 -16.03
CA ALA B 66 -11.86 13.96 -15.54
C ALA B 66 -12.77 14.55 -16.61
N GLU B 67 -12.23 15.40 -17.48
CA GLU B 67 -13.04 16.00 -18.55
C GLU B 67 -13.65 14.93 -19.44
N MET B 68 -12.89 13.88 -19.74
CA MET B 68 -13.41 12.79 -20.57
C MET B 68 -14.30 11.86 -19.77
N LEU B 69 -14.05 11.71 -18.46
CA LEU B 69 -14.86 10.82 -17.64
C LEU B 69 -16.22 11.40 -17.33
N LYS B 70 -16.42 12.71 -17.51
CA LYS B 70 -17.71 13.32 -17.21
C LYS B 70 -18.76 12.94 -18.24
N GLY B 71 -18.39 12.89 -19.52
CA GLY B 71 -19.31 12.54 -20.57
C GLY B 71 -19.68 11.09 -20.65
N LEU B 72 -19.42 10.30 -19.61
CA LEU B 72 -19.69 8.87 -19.62
C LEU B 72 -20.85 8.57 -18.68
N GLN B 73 -21.82 7.82 -19.19
CA GLN B 73 -22.97 7.41 -18.39
C GLN B 73 -23.37 6.00 -18.80
N HIS B 74 -23.79 5.22 -17.80
CA HIS B 74 -24.28 3.86 -17.98
C HIS B 74 -25.12 3.51 -16.78
N PRO B 75 -26.26 2.82 -16.95
CA PRO B 75 -27.10 2.49 -15.78
C PRO B 75 -26.41 1.62 -14.75
N ASN B 76 -25.29 0.98 -15.09
CA ASN B 76 -24.57 0.11 -14.20
C ASN B 76 -23.23 0.71 -13.75
N ILE B 77 -23.06 2.02 -13.90
CA ILE B 77 -21.86 2.72 -13.45
C ILE B 77 -22.29 3.95 -12.67
N VAL B 78 -21.76 4.10 -11.45
CA VAL B 78 -22.07 5.28 -10.65
C VAL B 78 -21.65 6.52 -11.40
N ARG B 79 -22.55 7.49 -11.48
CA ARG B 79 -22.31 8.71 -12.24
C ARG B 79 -21.24 9.57 -11.56
N PHE B 80 -20.29 10.05 -12.36
CA PHE B 80 -19.31 11.04 -11.92
C PHE B 80 -19.63 12.35 -12.61
N TYR B 81 -20.04 13.35 -11.83
CA TYR B 81 -20.56 14.60 -12.39
C TYR B 81 -19.46 15.60 -12.72
N ASP B 82 -18.69 16.02 -11.72
CA ASP B 82 -17.73 17.10 -11.93
C ASP B 82 -16.62 16.99 -10.89
N SER B 83 -15.54 17.72 -11.13
CA SER B 83 -14.42 17.79 -10.21
C SER B 83 -13.69 19.12 -10.40
N TRP B 84 -13.11 19.63 -9.32
CA TRP B 84 -12.38 20.88 -9.36
C TRP B 84 -11.49 20.96 -8.13
N GLU B 85 -10.57 21.92 -8.16
CA GLU B 85 -9.74 22.24 -7.00
C GLU B 85 -10.40 23.37 -6.24
N SER B 86 -10.52 23.22 -4.92
CA SER B 86 -11.25 24.17 -4.09
C SER B 86 -10.37 24.63 -2.93
N ILE B 87 -10.59 25.87 -2.52
CA ILE B 87 -9.95 26.45 -1.34
C ILE B 87 -11.06 26.84 -0.38
N LEU B 88 -11.05 26.21 0.80
CA LEU B 88 -12.13 26.43 1.77
C LEU B 88 -11.71 27.48 2.79
N LYS B 89 -11.73 27.12 4.06
CA LYS B 89 -11.23 28.00 5.12
C LYS B 89 -9.74 27.69 5.36
N GLY B 90 -8.95 27.97 4.32
CA GLY B 90 -7.56 27.58 4.31
C GLY B 90 -7.32 26.12 4.03
N LYS B 91 -8.36 25.31 3.91
CA LYS B 91 -8.23 23.90 3.62
C LYS B 91 -8.19 23.71 2.11
N LYS B 92 -7.04 23.25 1.60
CA LYS B 92 -6.89 22.94 0.18
C LYS B 92 -7.31 21.50 -0.07
N CYS B 93 -8.13 21.30 -1.10
CA CYS B 93 -8.66 19.97 -1.36
C CYS B 93 -9.14 19.88 -2.80
N ILE B 94 -9.30 18.65 -3.26
CA ILE B 94 -9.91 18.34 -4.55
C ILE B 94 -11.31 17.80 -4.26
N VAL B 95 -12.31 18.31 -4.97
CA VAL B 95 -13.70 17.92 -4.75
C VAL B 95 -14.19 17.16 -5.97
N LEU B 96 -14.83 16.02 -5.73
CA LEU B 96 -15.51 15.24 -6.75
C LEU B 96 -16.97 15.10 -6.36
N VAL B 97 -17.87 15.33 -7.31
CA VAL B 97 -19.30 15.14 -7.11
C VAL B 97 -19.72 13.90 -7.88
N THR B 98 -20.25 12.92 -7.18
CA THR B 98 -20.70 11.67 -7.79
C THR B 98 -22.15 11.41 -7.39
N GLU B 99 -22.76 10.48 -8.12
CA GLU B 99 -24.10 10.02 -7.76
C GLU B 99 -24.08 9.39 -6.38
N LEU B 100 -24.97 9.85 -5.51
CA LEU B 100 -24.99 9.39 -4.13
C LEU B 100 -25.68 8.03 -4.04
N MET B 101 -24.98 7.04 -3.50
CA MET B 101 -25.51 5.69 -3.31
C MET B 101 -25.77 5.51 -1.82
N THR B 102 -27.03 5.35 -1.45
CA THR B 102 -27.43 5.25 -0.05
C THR B 102 -27.89 3.86 0.36
N SER B 103 -28.04 2.92 -0.58
CA SER B 103 -28.58 1.60 -0.30
C SER B 103 -27.49 0.55 -0.08
N GLY B 104 -26.38 0.94 0.52
CA GLY B 104 -25.32 0.00 0.83
C GLY B 104 -24.57 -0.49 -0.41
N THR B 105 -23.59 -1.33 -0.17
CA THR B 105 -22.75 -1.91 -1.20
C THR B 105 -23.06 -3.39 -1.36
N LEU B 106 -22.30 -4.04 -2.23
CA LEU B 106 -22.46 -5.48 -2.43
C LEU B 106 -21.98 -6.26 -1.21
N LYS B 107 -20.92 -5.77 -0.55
CA LYS B 107 -20.43 -6.42 0.65
C LYS B 107 -21.41 -6.27 1.81
N THR B 108 -22.10 -5.12 1.89
CA THR B 108 -23.13 -4.95 2.90
C THR B 108 -24.29 -5.91 2.67
N TYR B 109 -24.63 -6.17 1.41
CA TYR B 109 -25.67 -7.14 1.10
C TYR B 109 -25.28 -8.55 1.52
N LEU B 110 -23.98 -8.86 1.47
CA LEU B 110 -23.52 -10.19 1.86
C LEU B 110 -23.72 -10.42 3.34
N LYS B 111 -23.27 -9.47 4.18
CA LYS B 111 -23.39 -9.64 5.62
C LYS B 111 -24.83 -9.63 6.11
N ARG B 112 -25.75 -9.08 5.32
CA ARG B 112 -27.15 -9.08 5.70
C ARG B 112 -27.84 -10.38 5.35
N PHE B 113 -27.45 -11.02 4.25
CA PHE B 113 -28.07 -12.26 3.79
C PHE B 113 -27.19 -13.49 3.94
N LYS B 114 -25.90 -13.31 4.25
CA LYS B 114 -24.95 -14.41 4.46
C LYS B 114 -24.72 -15.24 3.20
N VAL B 115 -25.80 -15.71 2.57
CA VAL B 115 -25.72 -16.56 1.39
C VAL B 115 -26.43 -15.85 0.24
N MET B 116 -25.79 -15.83 -0.93
CA MET B 116 -26.38 -15.26 -2.13
C MET B 116 -27.12 -16.33 -2.91
N LYS B 117 -28.33 -16.00 -3.36
CA LYS B 117 -29.03 -16.91 -4.25
C LYS B 117 -28.43 -16.84 -5.65
N PRO B 118 -28.32 -17.99 -6.34
CA PRO B 118 -27.72 -17.98 -7.68
C PRO B 118 -28.47 -17.15 -8.69
N LYS B 119 -29.78 -16.92 -8.48
CA LYS B 119 -30.54 -16.08 -9.40
C LYS B 119 -30.12 -14.62 -9.28
N VAL B 120 -29.79 -14.18 -8.07
CA VAL B 120 -29.34 -12.80 -7.88
C VAL B 120 -27.89 -12.64 -8.30
N LEU B 121 -27.05 -13.64 -7.99
CA LEU B 121 -25.66 -13.59 -8.41
C LEU B 121 -25.55 -13.52 -9.93
N ARG B 122 -26.33 -14.34 -10.64
CA ARG B 122 -26.31 -14.33 -12.09
C ARG B 122 -26.80 -13.00 -12.65
N SER B 123 -27.85 -12.42 -12.04
CA SER B 123 -28.37 -11.15 -12.52
C SER B 123 -27.43 -10.00 -12.20
N TRP B 124 -26.82 -10.01 -11.00
CA TRP B 124 -25.94 -8.91 -10.61
C TRP B 124 -24.62 -8.98 -11.35
N CYS B 125 -24.08 -10.17 -11.56
CA CYS B 125 -22.82 -10.30 -12.29
C CYS B 125 -22.97 -9.83 -13.74
N ARG B 126 -24.14 -10.10 -14.34
N ARG B 126 -24.14 -10.10 -14.34
CA ARG B 126 -24.37 -9.67 -15.72
CA ARG B 126 -24.36 -9.67 -15.71
C ARG B 126 -24.43 -8.15 -15.82
C ARG B 126 -24.42 -8.14 -15.83
N GLN B 127 -25.00 -7.48 -14.82
CA GLN B 127 -25.04 -6.02 -14.83
C GLN B 127 -23.64 -5.43 -14.67
N ILE B 128 -22.81 -6.06 -13.84
CA ILE B 128 -21.41 -5.64 -13.73
C ILE B 128 -20.71 -5.80 -15.07
N LEU B 129 -20.96 -6.90 -15.77
CA LEU B 129 -20.34 -7.12 -17.07
C LEU B 129 -20.83 -6.11 -18.10
N LYS B 130 -22.08 -5.67 -18.00
CA LYS B 130 -22.58 -4.66 -18.93
C LYS B 130 -21.84 -3.33 -18.76
N GLY B 131 -21.56 -2.96 -17.51
CA GLY B 131 -20.78 -1.75 -17.29
C GLY B 131 -19.34 -1.89 -17.76
N LEU B 132 -18.73 -3.04 -17.49
CA LEU B 132 -17.37 -3.29 -17.96
C LEU B 132 -17.32 -3.36 -19.48
N GLN B 133 -18.33 -3.98 -20.10
CA GLN B 133 -18.38 -4.02 -21.56
C GLN B 133 -18.46 -2.62 -22.15
N PHE B 134 -19.24 -1.73 -21.53
CA PHE B 134 -19.29 -0.35 -21.99
C PHE B 134 -17.92 0.33 -21.86
N LEU B 135 -17.22 0.09 -20.76
CA LEU B 135 -15.91 0.68 -20.57
C LEU B 135 -14.89 0.12 -21.55
N HIS B 136 -14.90 -1.20 -21.75
CA HIS B 136 -13.90 -1.82 -22.61
C HIS B 136 -14.16 -1.58 -24.09
N THR B 137 -15.36 -1.14 -24.46
CA THR B 137 -15.70 -0.85 -25.85
C THR B 137 -15.52 0.62 -26.20
N ARG B 138 -15.04 1.44 -25.27
CA ARG B 138 -14.74 2.83 -25.60
C ARG B 138 -13.49 2.89 -26.47
N THR B 139 -13.29 4.05 -27.10
CA THR B 139 -12.13 4.30 -27.95
C THR B 139 -11.37 5.51 -27.41
N PRO B 140 -10.26 5.32 -26.69
CA PRO B 140 -9.65 4.01 -26.38
C PRO B 140 -10.35 3.29 -25.23
N PRO B 141 -10.12 1.99 -25.09
CA PRO B 141 -10.75 1.25 -23.98
C PRO B 141 -10.36 1.82 -22.63
N ILE B 142 -11.29 1.71 -21.68
CA ILE B 142 -11.13 2.26 -20.34
C ILE B 142 -11.11 1.12 -19.34
N ILE B 143 -10.09 1.11 -18.48
CA ILE B 143 -9.94 0.12 -17.42
C ILE B 143 -10.51 0.70 -16.13
N HIS B 144 -11.26 -0.11 -15.39
CA HIS B 144 -11.89 0.39 -14.17
C HIS B 144 -10.90 0.45 -13.02
N ARG B 145 -10.15 -0.63 -12.80
CA ARG B 145 -9.06 -0.76 -11.83
C ARG B 145 -9.51 -0.76 -10.37
N ASP B 146 -10.79 -0.56 -10.09
CA ASP B 146 -11.28 -0.51 -8.71
C ASP B 146 -12.54 -1.35 -8.56
N LEU B 147 -12.48 -2.59 -9.03
CA LEU B 147 -13.62 -3.50 -9.06
C LEU B 147 -13.53 -4.45 -7.88
N LYS B 148 -14.48 -4.31 -6.94
CA LYS B 148 -14.56 -5.16 -5.77
C LYS B 148 -15.93 -4.97 -5.14
N CYS B 149 -16.30 -5.89 -4.26
CA CYS B 149 -17.64 -5.85 -3.66
C CYS B 149 -17.84 -4.63 -2.77
N ASP B 150 -16.75 -4.07 -2.25
CA ASP B 150 -16.85 -2.83 -1.48
C ASP B 150 -17.12 -1.62 -2.37
N ASN B 151 -16.87 -1.75 -3.69
CA ASN B 151 -17.05 -0.64 -4.62
C ASN B 151 -18.14 -0.92 -5.64
N ILE B 152 -19.04 -1.86 -5.34
CA ILE B 152 -20.21 -2.15 -6.17
C ILE B 152 -21.44 -1.81 -5.35
N PHE B 153 -22.28 -0.92 -5.88
CA PHE B 153 -23.36 -0.31 -5.12
C PHE B 153 -24.72 -0.82 -5.59
N ILE B 154 -25.61 -1.02 -4.63
CA ILE B 154 -26.98 -1.42 -4.91
C ILE B 154 -27.84 -0.17 -5.03
N THR B 155 -28.59 -0.06 -6.12
CA THR B 155 -29.61 0.97 -6.23
C THR B 155 -30.85 0.51 -5.46
N GLY B 156 -31.42 1.41 -4.67
CA GLY B 156 -32.48 1.06 -3.75
C GLY B 156 -33.78 0.60 -4.37
N PRO B 157 -34.42 1.47 -5.18
CA PRO B 157 -35.73 1.12 -5.74
C PRO B 157 -35.73 -0.16 -6.55
N THR B 158 -34.96 -0.18 -7.63
CA THR B 158 -34.85 -1.36 -8.45
C THR B 158 -33.75 -2.27 -7.89
N GLY B 159 -33.38 -3.30 -8.65
CA GLY B 159 -32.35 -4.22 -8.24
C GLY B 159 -31.01 -3.96 -8.89
N SER B 160 -30.88 -2.87 -9.63
CA SER B 160 -29.66 -2.61 -10.39
C SER B 160 -28.46 -2.46 -9.45
N VAL B 161 -27.32 -2.93 -9.93
CA VAL B 161 -26.04 -2.69 -9.27
C VAL B 161 -25.23 -1.74 -10.15
N LYS B 162 -24.41 -0.92 -9.51
CA LYS B 162 -23.55 0.02 -10.20
C LYS B 162 -22.13 -0.13 -9.68
N ILE B 163 -21.18 -0.28 -10.61
CA ILE B 163 -19.79 -0.28 -10.21
C ILE B 163 -19.35 1.13 -9.84
N GLY B 164 -18.23 1.23 -9.12
CA GLY B 164 -17.80 2.52 -8.63
C GLY B 164 -17.55 3.52 -9.75
N ASP B 165 -17.76 4.79 -9.44
CA ASP B 165 -17.61 5.84 -10.44
C ASP B 165 -16.16 5.91 -10.92
N LEU B 166 -16.00 6.36 -12.17
CA LEU B 166 -14.68 6.40 -12.79
C LEU B 166 -13.80 7.49 -12.20
N GLY B 167 -14.39 8.50 -11.57
CA GLY B 167 -13.61 9.55 -10.94
C GLY B 167 -12.79 9.04 -9.77
N LEU B 168 -13.46 8.43 -8.79
CA LEU B 168 -12.75 7.86 -7.66
C LEU B 168 -11.89 6.66 -8.07
N ALA B 169 -12.28 5.96 -9.14
CA ALA B 169 -11.51 4.81 -9.60
C ALA B 169 -10.18 5.25 -10.23
N THR B 170 -10.19 6.37 -10.96
CA THR B 170 -8.96 6.90 -11.53
C THR B 170 -7.95 7.25 -10.43
N LEU B 171 -8.45 7.75 -9.29
CA LEU B 171 -7.59 8.16 -8.19
C LEU B 171 -6.99 6.98 -7.45
N MET B 172 -7.38 5.74 -7.78
CA MET B 172 -6.74 4.58 -7.17
C MET B 172 -5.33 4.36 -7.68
N ARG B 173 -4.98 4.96 -8.82
CA ARG B 173 -3.63 4.87 -9.36
C ARG B 173 -2.65 5.81 -8.66
N THR B 174 -3.13 6.72 -7.82
CA THR B 174 -2.26 7.67 -7.14
C THR B 174 -1.38 6.96 -6.11
N SEP B 175 -0.28 7.60 -5.76
CA SEP B 175 0.70 7.03 -4.84
CB SEP B 175 1.91 7.95 -4.70
OG SEP B 175 2.92 7.37 -3.89
C SEP B 175 0.10 6.74 -3.46
O SEP B 175 0.36 5.70 -2.86
P SEP B 175 4.15 6.93 -4.82
O1P SEP B 175 4.14 5.33 -4.98
O2P SEP B 175 4.01 7.60 -6.28
O3P SEP B 175 5.54 7.40 -4.14
N PHE B 176 -0.71 7.68 -2.96
CA PHE B 176 -1.31 7.54 -1.65
C PHE B 176 -2.33 6.39 -1.63
N ALA B 177 -3.17 6.32 -2.66
CA ALA B 177 -4.23 5.32 -2.67
C ALA B 177 -3.67 3.91 -2.74
N LYS B 178 -2.62 3.71 -3.55
CA LYS B 178 -2.08 2.36 -3.72
C LYS B 178 -1.42 1.85 -2.45
N SER B 179 -0.86 2.73 -1.63
CA SER B 179 -0.11 2.32 -0.45
C SER B 179 -0.91 2.40 0.84
N VAL B 180 -2.09 3.02 0.83
CA VAL B 180 -2.89 3.22 2.03
C VAL B 180 -4.21 2.45 1.96
N ILE B 181 -4.93 2.58 0.85
CA ILE B 181 -6.25 1.98 0.72
C ILE B 181 -6.29 0.93 -0.40
N GLY B 182 -5.14 0.41 -0.80
CA GLY B 182 -5.11 -0.60 -1.83
C GLY B 182 -5.69 -1.92 -1.35
N THR B 183 -6.25 -2.68 -2.29
CA THR B 183 -6.82 -4.00 -2.02
C THR B 183 -6.17 -5.01 -2.97
N PRO B 184 -5.00 -5.53 -2.60
CA PRO B 184 -4.29 -6.44 -3.51
C PRO B 184 -4.97 -7.79 -3.68
N GLU B 185 -6.00 -8.10 -2.90
CA GLU B 185 -6.71 -9.37 -3.07
C GLU B 185 -7.45 -9.43 -4.40
N PHE B 186 -7.71 -8.29 -5.04
CA PHE B 186 -8.44 -8.24 -6.29
C PHE B 186 -7.56 -7.86 -7.47
N MET B 187 -6.25 -7.73 -7.27
CA MET B 187 -5.35 -7.27 -8.31
C MET B 187 -4.79 -8.45 -9.10
N ALA B 188 -4.89 -8.38 -10.43
CA ALA B 188 -4.28 -9.35 -11.30
C ALA B 188 -2.76 -9.32 -11.13
N PRO B 189 -2.08 -10.43 -11.42
CA PRO B 189 -0.62 -10.45 -11.24
C PRO B 189 0.12 -9.42 -12.08
N GLU B 190 -0.34 -9.17 -13.31
CA GLU B 190 0.30 -8.17 -14.15
C GLU B 190 -0.03 -6.74 -13.75
N MET B 191 -1.01 -6.55 -12.86
CA MET B 191 -1.36 -5.21 -12.41
C MET B 191 -0.30 -4.59 -11.51
N TYR B 192 0.64 -5.39 -10.99
CA TYR B 192 1.75 -4.87 -10.21
C TYR B 192 2.82 -4.22 -11.07
N GLU B 193 2.71 -4.31 -12.39
CA GLU B 193 3.69 -3.72 -13.30
C GLU B 193 3.19 -2.37 -13.81
N GLU B 194 4.08 -1.67 -14.51
CA GLU B 194 3.75 -0.32 -14.97
C GLU B 194 2.65 -0.33 -16.02
N HIS B 195 2.58 -1.36 -16.85
CA HIS B 195 1.64 -1.43 -17.95
C HIS B 195 0.79 -2.69 -17.86
N TYR B 196 -0.50 -2.54 -18.17
CA TYR B 196 -1.44 -3.66 -18.22
C TYR B 196 -2.65 -3.18 -19.02
N ASP B 197 -3.56 -4.12 -19.29
CA ASP B 197 -4.73 -3.76 -20.09
C ASP B 197 -6.03 -4.07 -19.36
N GLU B 198 -7.14 -4.06 -20.09
CA GLU B 198 -8.47 -4.26 -19.52
C GLU B 198 -8.68 -5.65 -18.95
N SER B 199 -7.75 -6.58 -19.16
CA SER B 199 -7.91 -7.92 -18.62
C SER B 199 -7.87 -7.96 -17.09
N VAL B 200 -7.29 -6.94 -16.46
CA VAL B 200 -7.28 -6.89 -15.00
C VAL B 200 -8.69 -6.70 -14.44
N ASP B 201 -9.62 -6.16 -15.24
CA ASP B 201 -11.00 -6.06 -14.78
C ASP B 201 -11.69 -7.42 -14.82
N VAL B 202 -11.35 -8.26 -15.79
CA VAL B 202 -11.87 -9.62 -15.83
C VAL B 202 -11.39 -10.41 -14.62
N TYR B 203 -10.10 -10.24 -14.27
CA TYR B 203 -9.56 -10.88 -13.08
C TYR B 203 -10.31 -10.40 -11.83
N ALA B 204 -10.47 -9.08 -11.69
CA ALA B 204 -11.18 -8.54 -10.53
C ALA B 204 -12.64 -8.98 -10.53
N PHE B 205 -13.25 -9.07 -11.71
CA PHE B 205 -14.62 -9.58 -11.78
C PHE B 205 -14.71 -11.00 -11.25
N GLY B 206 -13.74 -11.85 -11.61
CA GLY B 206 -13.74 -13.21 -11.10
C GLY B 206 -13.59 -13.27 -9.59
N MET B 207 -12.81 -12.36 -9.02
CA MET B 207 -12.70 -12.30 -7.57
C MET B 207 -13.97 -11.77 -6.93
N CYS B 208 -14.70 -10.89 -7.61
CA CYS B 208 -16.00 -10.44 -7.12
C CYS B 208 -16.98 -11.59 -7.06
N MET B 209 -17.06 -12.39 -8.14
CA MET B 209 -17.93 -13.55 -8.15
C MET B 209 -17.51 -14.56 -7.10
N LEU B 210 -16.20 -14.70 -6.87
CA LEU B 210 -15.72 -15.62 -5.85
C LEU B 210 -16.19 -15.19 -4.46
N GLU B 211 -16.12 -13.89 -4.16
CA GLU B 211 -16.62 -13.40 -2.88
C GLU B 211 -18.13 -13.55 -2.78
N MET B 212 -18.84 -13.37 -3.90
CA MET B 212 -20.29 -13.53 -3.88
C MET B 212 -20.72 -14.97 -3.70
N ALA B 213 -19.92 -15.92 -4.20
CA ALA B 213 -20.26 -17.33 -4.12
C ALA B 213 -19.74 -18.02 -2.87
N THR B 214 -18.88 -17.35 -2.09
CA THR B 214 -18.31 -17.94 -0.88
C THR B 214 -18.48 -17.08 0.36
N SER B 215 -18.92 -15.84 0.24
CA SER B 215 -19.10 -14.91 1.36
C SER B 215 -17.81 -14.69 2.15
N GLU B 216 -16.66 -14.96 1.54
CA GLU B 216 -15.36 -14.72 2.16
C GLU B 216 -14.55 -13.75 1.32
N TYR B 217 -13.64 -13.05 1.99
CA TYR B 217 -12.69 -12.21 1.29
C TYR B 217 -11.63 -13.08 0.63
N PRO B 218 -11.37 -12.91 -0.67
CA PRO B 218 -10.33 -13.71 -1.31
C PRO B 218 -8.97 -13.48 -0.66
N TYR B 219 -8.19 -14.57 -0.57
CA TYR B 219 -6.87 -14.54 0.06
C TYR B 219 -6.94 -14.06 1.51
N SER B 220 -8.04 -14.37 2.21
CA SER B 220 -8.16 -14.00 3.60
C SER B 220 -7.17 -14.75 4.50
N GLU B 221 -6.63 -15.87 4.02
CA GLU B 221 -5.62 -16.59 4.78
C GLU B 221 -4.27 -15.89 4.80
N CYS B 222 -4.05 -14.91 3.93
CA CYS B 222 -2.80 -14.18 3.89
C CYS B 222 -2.77 -13.12 4.98
N GLN B 223 -1.59 -12.92 5.56
CA GLN B 223 -1.42 -11.99 6.66
C GLN B 223 -1.05 -10.58 6.22
N ASN B 224 -0.43 -10.43 5.05
CA ASN B 224 -0.03 -9.13 4.56
C ASN B 224 -0.09 -9.12 3.03
N ALA B 225 0.21 -7.97 2.45
CA ALA B 225 0.18 -7.83 1.00
C ALA B 225 1.33 -8.55 0.31
N ALA B 226 2.45 -8.76 1.03
CA ALA B 226 3.56 -9.48 0.43
C ALA B 226 3.23 -10.94 0.19
N GLN B 227 2.48 -11.55 1.10
CA GLN B 227 2.02 -12.93 0.89
C GLN B 227 1.04 -13.03 -0.26
N ILE B 228 0.22 -11.99 -0.46
CA ILE B 228 -0.71 -11.98 -1.58
C ILE B 228 0.04 -11.88 -2.90
N TYR B 229 1.07 -11.04 -2.96
CA TYR B 229 1.83 -10.88 -4.19
C TYR B 229 2.52 -12.17 -4.60
N ARG B 230 3.16 -12.86 -3.64
CA ARG B 230 3.89 -14.07 -3.97
C ARG B 230 2.96 -15.19 -4.41
N LYS B 231 1.75 -15.25 -3.86
CA LYS B 231 0.80 -16.27 -4.30
C LYS B 231 0.25 -15.94 -5.68
N VAL B 232 -0.18 -14.70 -5.90
CA VAL B 232 -0.83 -14.33 -7.16
C VAL B 232 0.15 -14.43 -8.31
N THR B 233 1.39 -13.97 -8.12
CA THR B 233 2.40 -14.04 -9.16
C THR B 233 3.01 -15.43 -9.32
N SER B 234 2.59 -16.40 -8.52
CA SER B 234 3.01 -17.78 -8.67
C SER B 234 1.87 -18.68 -9.16
N GLY B 235 0.73 -18.11 -9.52
CA GLY B 235 -0.39 -18.89 -9.99
C GLY B 235 -1.13 -19.66 -8.92
N ILE B 236 -1.01 -19.24 -7.66
CA ILE B 236 -1.66 -19.92 -6.54
C ILE B 236 -2.98 -19.23 -6.26
N LYS B 237 -4.09 -19.96 -6.45
CA LYS B 237 -5.41 -19.41 -6.23
C LYS B 237 -5.67 -19.22 -4.74
N PRO B 238 -6.63 -18.37 -4.38
CA PRO B 238 -6.98 -18.22 -2.96
C PRO B 238 -7.63 -19.49 -2.42
N ALA B 239 -7.56 -19.64 -1.09
CA ALA B 239 -8.08 -20.84 -0.46
C ALA B 239 -9.60 -20.94 -0.60
N SER B 240 -10.29 -19.80 -0.69
CA SER B 240 -11.74 -19.81 -0.82
C SER B 240 -12.21 -20.36 -2.16
N PHE B 241 -11.30 -20.55 -3.12
CA PHE B 241 -11.70 -21.08 -4.43
C PHE B 241 -12.20 -22.51 -4.32
N ASN B 242 -11.71 -23.28 -3.35
CA ASN B 242 -12.16 -24.66 -3.17
C ASN B 242 -13.50 -24.75 -2.43
N LYS B 243 -14.04 -23.64 -1.95
CA LYS B 243 -15.33 -23.64 -1.28
C LYS B 243 -16.49 -23.33 -2.21
N VAL B 244 -16.23 -23.16 -3.51
CA VAL B 244 -17.29 -22.96 -4.49
C VAL B 244 -17.95 -24.30 -4.77
N THR B 245 -19.27 -24.37 -4.57
CA THR B 245 -20.00 -25.62 -4.74
C THR B 245 -20.44 -25.86 -6.18
N ASP B 246 -20.94 -24.82 -6.84
CA ASP B 246 -21.41 -24.96 -8.22
C ASP B 246 -20.23 -25.16 -9.16
N PRO B 247 -20.15 -26.28 -9.88
CA PRO B 247 -19.02 -26.47 -10.80
C PRO B 247 -19.04 -25.50 -11.96
N GLU B 248 -20.21 -25.06 -12.41
CA GLU B 248 -20.26 -24.10 -13.51
C GLU B 248 -19.76 -22.73 -13.06
N VAL B 249 -20.13 -22.30 -11.85
CA VAL B 249 -19.60 -21.06 -11.32
C VAL B 249 -18.10 -21.17 -11.08
N LYS B 250 -17.65 -22.34 -10.59
CA LYS B 250 -16.22 -22.53 -10.35
C LYS B 250 -15.43 -22.49 -11.65
N GLU B 251 -16.02 -23.00 -12.74
CA GLU B 251 -15.36 -22.93 -14.04
C GLU B 251 -15.22 -21.49 -14.51
N ILE B 252 -16.23 -20.66 -14.27
CA ILE B 252 -16.19 -19.28 -14.71
C ILE B 252 -15.16 -18.48 -13.91
N ILE B 253 -15.16 -18.67 -12.58
CA ILE B 253 -14.14 -18.02 -11.74
C ILE B 253 -12.75 -18.46 -12.17
N GLU B 254 -12.58 -19.76 -12.45
CA GLU B 254 -11.27 -20.27 -12.88
C GLU B 254 -10.82 -19.60 -14.16
N GLY B 255 -11.73 -19.42 -15.12
CA GLY B 255 -11.38 -18.78 -16.39
C GLY B 255 -11.17 -17.29 -16.29
N CYS B 256 -11.51 -16.66 -15.17
CA CYS B 256 -11.31 -15.23 -14.99
C CYS B 256 -10.02 -14.89 -14.25
N ILE B 257 -9.58 -15.75 -13.34
CA ILE B 257 -8.43 -15.46 -12.49
C ILE B 257 -7.20 -16.25 -12.92
N ARG B 258 -7.14 -16.65 -14.18
CA ARG B 258 -5.94 -17.30 -14.69
C ARG B 258 -4.73 -16.37 -14.55
N GLN B 259 -3.60 -16.95 -14.16
CA GLN B 259 -2.38 -16.15 -13.98
C GLN B 259 -1.99 -15.46 -15.29
N ASN B 260 -1.85 -16.23 -16.36
CA ASN B 260 -1.57 -15.64 -17.67
C ASN B 260 -2.84 -15.01 -18.22
N LYS B 261 -2.76 -13.72 -18.56
CA LYS B 261 -3.94 -12.99 -19.02
C LYS B 261 -4.48 -13.54 -20.33
N SER B 262 -3.61 -14.14 -21.16
CA SER B 262 -4.05 -14.67 -22.44
C SER B 262 -4.99 -15.85 -22.29
N GLU B 263 -4.97 -16.52 -21.14
CA GLU B 263 -5.84 -17.66 -20.88
C GLU B 263 -7.19 -17.24 -20.30
N ARG B 264 -7.43 -15.95 -20.09
CA ARG B 264 -8.64 -15.48 -19.44
C ARG B 264 -9.74 -15.20 -20.47
N LEU B 265 -10.98 -15.41 -20.03
CA LEU B 265 -12.13 -14.98 -20.82
C LEU B 265 -12.09 -13.49 -21.05
N SER B 266 -12.74 -13.04 -22.12
CA SER B 266 -13.03 -11.63 -22.30
C SER B 266 -14.40 -11.32 -21.70
N ILE B 267 -14.71 -10.02 -21.63
CA ILE B 267 -16.04 -9.62 -21.17
C ILE B 267 -17.11 -10.10 -22.14
N ARG B 268 -16.80 -10.07 -23.45
CA ARG B 268 -17.74 -10.57 -24.44
C ARG B 268 -17.99 -12.06 -24.26
N ASP B 269 -16.95 -12.84 -23.96
CA ASP B 269 -17.11 -14.27 -23.72
C ASP B 269 -17.98 -14.52 -22.48
N LEU B 270 -17.82 -13.67 -21.47
CA LEU B 270 -18.65 -13.82 -20.27
C LEU B 270 -20.10 -13.46 -20.54
N LEU B 271 -20.34 -12.42 -21.35
CA LEU B 271 -21.70 -12.05 -21.69
C LEU B 271 -22.36 -13.09 -22.59
N ASN B 272 -21.61 -13.65 -23.53
CA ASN B 272 -22.12 -14.69 -24.41
C ASN B 272 -22.18 -16.06 -23.75
N HIS B 273 -21.72 -16.18 -22.51
CA HIS B 273 -21.75 -17.46 -21.82
C HIS B 273 -23.20 -17.82 -21.44
N ALA B 274 -23.49 -19.12 -21.47
CA ALA B 274 -24.84 -19.59 -21.19
C ALA B 274 -25.24 -19.39 -19.73
N PHE B 275 -24.27 -19.26 -18.82
CA PHE B 275 -24.60 -19.04 -17.42
C PHE B 275 -25.22 -17.66 -17.21
N PHE B 276 -24.70 -16.64 -17.89
CA PHE B 276 -25.32 -15.31 -17.89
C PHE B 276 -26.33 -15.20 -19.01
N ALA B 277 -27.22 -16.19 -19.06
CA ALA B 277 -28.16 -16.33 -20.18
C ALA B 277 -28.99 -15.07 -20.36
N GLU B 278 -29.26 -14.74 -21.62
CA GLU B 278 -29.92 -13.47 -21.95
C GLU B 278 -31.31 -13.40 -21.36
N ASP B 279 -32.10 -14.45 -21.50
CA ASP B 279 -33.48 -14.44 -21.01
C ASP B 279 -34.00 -15.84 -20.73
S SO4 C . 36.85 -2.11 2.22
O1 SO4 C . 36.07 -3.31 2.48
O2 SO4 C . 36.38 -1.48 0.99
O3 SO4 C . 36.67 -1.16 3.33
O4 SO4 C . 38.26 -2.44 2.10
S SO4 D . 11.92 -8.81 1.02
O1 SO4 D . 10.67 -9.02 1.73
O2 SO4 D . 11.74 -9.15 -0.39
O3 SO4 D . 12.96 -9.66 1.60
O4 SO4 D . 12.33 -7.41 1.13
C1 EDO E . 1.96 8.33 0.02
O1 EDO E . 2.63 7.51 -0.95
C2 EDO E . 1.81 7.55 1.33
O2 EDO E . 3.11 7.24 1.84
C1 EDO F . 1.54 12.19 -0.75
O1 EDO F . 2.72 11.58 -0.20
C2 EDO F . 1.65 12.23 -2.27
O2 EDO F . 1.84 10.89 -2.77
C1 EDO G . 0.95 -2.23 3.12
O1 EDO G . 0.80 -1.03 2.36
C2 EDO G . 2.03 -3.10 2.49
O2 EDO G . 2.26 -4.25 3.33
C1 EDO H . 0.78 8.78 17.57
O1 EDO H . 1.18 9.53 18.72
C2 EDO H . 0.12 9.72 16.56
O2 EDO H . 1.05 10.73 16.16
C1 EDO I . 2.94 -1.92 -7.49
O1 EDO I . 1.53 -1.90 -7.29
C2 EDO I . 3.51 -0.51 -7.26
O2 EDO I . 3.03 0.36 -8.28
C1 EDO J . 5.35 -0.79 -10.62
O1 EDO J . 6.27 -1.29 -11.57
C2 EDO J . 5.87 0.52 -10.05
O2 EDO J . 7.16 0.30 -9.48
C1 EDO K . 18.45 15.22 13.94
O1 EDO K . 18.69 13.82 13.78
C2 EDO K . 18.03 15.47 15.39
O2 EDO K . 16.93 14.61 15.71
C1 EDO L . 34.32 -2.45 -4.26
O1 EDO L . 33.81 -3.13 -5.40
C2 EDO L . 33.31 -1.41 -3.79
O2 EDO L . 33.80 -0.77 -2.60
C1 EDO M . 12.24 -12.08 -7.21
O1 EDO M . 11.83 -12.96 -8.26
C2 EDO M . 11.38 -12.33 -5.98
O2 EDO M . 11.74 -11.40 -4.94
C1 EDO N . 19.02 6.31 2.17
O1 EDO N . 18.54 7.66 2.25
C2 EDO N . 18.13 5.40 3.01
O2 EDO N . 16.75 5.71 2.75
C1 EDO O . 10.00 2.70 8.47
O1 EDO O . 8.96 2.12 7.66
C2 EDO O . 9.85 4.21 8.48
O2 EDO O . 10.89 4.79 9.28
C1 EDO P . 21.24 -10.60 4.60
O1 EDO P . 22.28 -10.17 5.51
C2 EDO P . 20.77 -9.41 3.76
O2 EDO P . 19.73 -9.83 2.88
S SO4 Q . 8.10 -17.81 -4.15
O1 SO4 Q . 6.90 -18.34 -4.81
O2 SO4 Q . 9.28 -18.49 -4.68
O3 SO4 Q . 8.20 -16.38 -4.39
O4 SO4 Q . 8.01 -18.06 -2.71
S SO4 R . -26.65 15.72 -16.77
O1 SO4 R . -26.89 14.73 -17.82
O2 SO4 R . -26.28 15.04 -15.53
O3 SO4 R . -25.57 16.61 -17.18
O4 SO4 R . -27.87 16.51 -16.56
S SO4 S . -11.96 6.01 1.71
O1 SO4 S . -13.28 5.80 2.28
O2 SO4 S . -11.06 4.94 2.14
O3 SO4 S . -12.06 5.99 0.25
O4 SO4 S . -11.43 7.29 2.14
C1 EDO T . -34.93 -5.02 -3.40
O1 EDO T . -35.49 -5.86 -4.41
C2 EDO T . -34.82 -3.59 -3.94
O2 EDO T . -33.94 -3.57 -5.06
C1 EDO U . -2.07 1.03 -18.55
O1 EDO U . -0.79 1.36 -19.09
C2 EDO U . -1.94 0.70 -17.06
O2 EDO U . -1.55 1.88 -16.34
C1 EDO V . -9.46 -4.06 -9.22
O1 EDO V . -9.24 -4.13 -10.63
C2 EDO V . -8.11 -3.98 -8.49
O2 EDO V . -8.34 -3.80 -7.09
C1 EDO W . -3.88 9.60 -11.20
O1 EDO W . -3.61 11.00 -11.11
C2 EDO W . -3.90 9.17 -12.66
O2 EDO W . -4.90 9.94 -13.34
C1 EDO X . 0.74 0.51 -11.29
O1 EDO X . 1.61 0.23 -12.39
C2 EDO X . 0.79 -0.65 -10.30
O2 EDO X . -0.46 -0.76 -9.61
C1 EDO Y . -21.72 6.69 -1.64
O1 EDO Y . -21.52 7.33 -2.90
C2 EDO Y . -21.33 7.64 -0.52
O2 EDO Y . -21.59 7.01 0.75
C1 EDO Z . -17.29 6.17 3.33
O1 EDO Z . -17.85 6.26 2.01
C2 EDO Z . -16.25 7.27 3.51
O2 EDO Z . -15.21 7.12 2.55
C1 EDO AA . -4.60 -6.18 2.80
O1 EDO AA . -3.28 -5.61 2.85
C2 EDO AA . -5.56 -5.18 2.18
O2 EDO AA . -6.88 -5.74 2.14
C1 EDO BA . -22.06 30.50 -12.09
O1 EDO BA . -21.91 30.62 -10.68
C2 EDO BA . -21.15 31.51 -12.78
O2 EDO BA . -21.29 31.39 -14.21
C1 EDO CA . -4.64 -17.08 -9.27
O1 EDO CA . -4.87 -17.74 -10.52
C2 EDO CA . -3.18 -16.62 -9.21
O2 EDO CA . -2.90 -15.79 -10.34
C1 EDO DA . -2.44 -1.01 0.67
O1 EDO DA . -3.18 -0.97 1.90
C2 EDO DA . -2.05 -2.45 0.35
O2 EDO DA . -1.45 -2.50 -0.95
C1 EDO EA . -5.38 -0.45 -7.74
O1 EDO EA . -4.56 -0.59 -6.58
C2 EDO EA . -4.94 0.78 -8.53
O2 EDO EA . -3.55 0.66 -8.85
C1 EDO FA . 5.33 11.24 -12.92
O1 EDO FA . 4.77 12.55 -12.78
C2 EDO FA . 5.83 10.75 -11.57
O2 EDO FA . 6.14 9.36 -11.66
C1 EDO GA . -3.29 20.81 -11.03
O1 EDO GA . -4.41 21.37 -11.75
C2 EDO GA . -2.62 21.91 -10.22
O2 EDO GA . -1.50 21.36 -9.53
C1 EDO HA . -10.22 4.35 -13.82
O1 EDO HA . -9.08 3.92 -13.06
C2 EDO HA . -9.76 4.95 -15.13
O2 EDO HA . -10.90 5.33 -15.91
C1 EDO IA . -6.91 -18.63 8.69
O1 EDO IA . -7.46 -17.68 7.77
C2 EDO IA . -5.43 -18.86 8.37
O2 EDO IA . -4.73 -17.62 8.49
#